data_5IV4
#
_entry.id   5IV4
#
_cell.length_a   99.298
_cell.length_b   99.298
_cell.length_c   99.386
_cell.angle_alpha   90.00
_cell.angle_beta   90.00
_cell.angle_gamma   120.00
#
_symmetry.space_group_name_H-M   'P 63'
#
loop_
_entity.id
_entity.type
_entity.pdbx_description
1 polymer 'Adenylate cyclase type 10'
2 non-polymer 6-chloro-N~4~-cyclopropyl-N~4~-[(thiophen-2-yl)methyl]pyrimidine-2,4-diamine
3 non-polymer 'ACETATE ION'
4 non-polymer 1,2-ETHANEDIOL
5 non-polymer 'DIMETHYL SULFOXIDE'
6 non-polymer 'CHLORIDE ION'
7 non-polymer DI(HYDROXYETHYL)ETHER
8 non-polymer GLYCEROL
9 water water
#
_entity_poly.entity_id   1
_entity_poly.type   'polypeptide(L)'
_entity_poly.pdbx_seq_one_letter_code
;MNTPKEEFQDWPIVRIAAHLPDLIVYGHFSPERPFMDYFDGVLMFVDISGFTAMTEKFSSAMYMDRGAEQLVEILNYHIS
AIVEKVLIFGGDILKFAGDALLALWRVERKQLKNIITVVIKCSLEIHGLFETQEWEEGLDIRVKIGLAAGHISMLVFGDE
THSHFLVIGQAVDDVRLAQNMAQMNDVILSPNCWQLCDRSMIEIESVPDQRAVKVNFLKPPPNFNFDEFFTKCTTFMHYY
PSGEHKNLLRLA(CME)TLKPDPELEMSLQKYVMESILKQIDNKQLQGYLSELRPVTIVFVNLMFEDQDKAEEIGPAIQD
AYMHITSVLKIFQGQINKVFMFDKGCSFLCVFGFPGEKVPDELTHALECAMDIFDFCSQVHKIQTVSIGVASGIVFCGIV
GHTVRHEYTVIGQKVNLAARMMMYYPGIVTCDSVTYNGSNLPAYFFKELPKKVMKGVADSGPLYQYWGRTEKVHHHHHH
;
_entity_poly.pdbx_strand_id   A
#
loop_
_chem_comp.id
_chem_comp.type
_chem_comp.name
_chem_comp.formula
ACT non-polymer 'ACETATE ION' 'C2 H3 O2 -1'
CL non-polymer 'CHLORIDE ION' 'Cl -1'
DMS non-polymer 'DIMETHYL SULFOXIDE' 'C2 H6 O S'
EDO non-polymer 1,2-ETHANEDIOL 'C2 H6 O2'
GOL non-polymer GLYCEROL 'C3 H8 O3'
LRI non-polymer 6-chloro-N~4~-cyclopropyl-N~4~-[(thiophen-2-yl)methyl]pyrimidine-2,4-diamine 'C12 H13 Cl N4 S'
PEG non-polymer DI(HYDROXYETHYL)ETHER 'C4 H10 O3'
#
# COMPACT_ATOMS: atom_id res chain seq x y z
N GLU A 7 15.49 -27.60 9.44
CA GLU A 7 16.19 -26.28 9.14
C GLU A 7 15.55 -25.23 10.03
N PHE A 8 16.37 -24.59 10.88
CA PHE A 8 15.95 -23.44 11.72
C PHE A 8 15.79 -22.23 10.79
N GLN A 9 14.64 -21.57 10.88
CA GLN A 9 14.44 -20.45 9.95
C GLN A 9 14.13 -19.12 10.66
N ASP A 10 14.13 -19.08 12.01
CA ASP A 10 13.49 -17.93 12.68
C ASP A 10 14.51 -16.84 13.09
N TRP A 11 15.45 -16.59 12.26
CA TRP A 11 16.46 -15.55 12.48
C TRP A 11 15.87 -14.17 12.29
N PRO A 12 16.42 -13.14 12.94
CA PRO A 12 15.96 -11.76 12.71
C PRO A 12 15.92 -11.37 11.24
N ILE A 13 16.89 -11.82 10.42
CA ILE A 13 16.96 -11.39 9.05
C ILE A 13 15.71 -11.93 8.32
N VAL A 14 15.28 -13.11 8.70
CA VAL A 14 14.10 -13.74 8.08
C VAL A 14 12.83 -13.00 8.49
N ARG A 15 12.72 -12.70 9.80
CA ARG A 15 11.60 -11.88 10.27
C ARG A 15 11.48 -10.51 9.63
N ILE A 16 12.60 -9.82 9.39
CA ILE A 16 12.62 -8.55 8.66
C ILE A 16 12.11 -8.78 7.22
N ALA A 17 12.60 -9.83 6.57
CA ALA A 17 12.23 -10.12 5.18
C ALA A 17 10.75 -10.34 5.01
N ALA A 18 10.02 -10.76 6.08
CA ALA A 18 8.54 -10.84 5.98
C ALA A 18 7.86 -9.55 5.55
N HIS A 19 8.48 -8.43 5.94
CA HIS A 19 7.94 -7.10 5.65
C HIS A 19 8.27 -6.49 4.28
N LEU A 20 8.98 -7.27 3.44
CA LEU A 20 9.51 -6.79 2.17
C LEU A 20 9.26 -7.80 1.05
N PRO A 21 9.01 -7.27 -0.19
CA PRO A 21 8.97 -8.12 -1.34
C PRO A 21 10.33 -8.66 -1.74
N ASP A 22 10.32 -9.73 -2.55
CA ASP A 22 11.53 -10.22 -3.22
C ASP A 22 12.25 -9.22 -4.11
N LEU A 23 11.47 -8.24 -4.64
CA LEU A 23 11.98 -7.09 -5.38
C LEU A 23 13.06 -6.41 -4.58
N ILE A 24 12.86 -6.34 -3.25
CA ILE A 24 13.83 -5.69 -2.37
C ILE A 24 14.79 -6.71 -1.79
N VAL A 25 14.28 -7.80 -1.21
CA VAL A 25 15.08 -8.80 -0.51
C VAL A 25 16.22 -9.34 -1.37
N TYR A 26 15.91 -9.60 -2.61
CA TYR A 26 16.86 -10.17 -3.51
C TYR A 26 17.38 -9.15 -4.53
N GLY A 27 17.16 -7.87 -4.29
CA GLY A 27 17.70 -6.78 -5.15
C GLY A 27 19.20 -6.63 -4.83
N HIS A 28 19.95 -6.02 -5.68
CA HIS A 28 21.36 -5.92 -5.22
C HIS A 28 21.81 -4.68 -5.84
N PHE A 29 21.23 -3.59 -5.34
CA PHE A 29 21.40 -2.37 -5.97
C PHE A 29 22.23 -1.40 -5.15
N SER A 30 22.66 -0.37 -5.84
CA SER A 30 23.64 0.56 -5.34
C SER A 30 23.10 1.32 -4.14
N PRO A 31 23.98 2.05 -3.46
CA PRO A 31 23.56 2.88 -2.32
C PRO A 31 23.12 4.32 -2.70
N GLU A 32 23.35 4.78 -3.94
CA GLU A 32 22.89 6.08 -4.38
C GLU A 32 21.33 6.17 -4.14
N ARG A 33 20.88 7.35 -3.76
CA ARG A 33 19.49 7.57 -3.72
C ARG A 33 19.26 8.80 -4.54
N PRO A 34 18.29 8.87 -5.45
CA PRO A 34 17.38 7.77 -5.79
C PRO A 34 18.11 6.69 -6.58
N PHE A 35 17.57 5.50 -6.53
CA PHE A 35 17.95 4.40 -7.35
C PHE A 35 16.73 4.01 -8.21
N MET A 36 16.93 3.82 -9.52
CA MET A 36 15.85 3.43 -10.39
CA MET A 36 15.86 3.49 -10.43
C MET A 36 16.25 2.28 -11.24
N ASP A 37 15.29 1.40 -11.51
CA ASP A 37 15.49 0.28 -12.42
C ASP A 37 14.21 0.05 -13.20
N TYR A 38 14.28 -0.69 -14.31
CA TYR A 38 13.24 -0.78 -15.30
C TYR A 38 13.08 -2.23 -15.66
N PHE A 39 11.83 -2.69 -15.75
CA PHE A 39 11.56 -4.08 -16.13
C PHE A 39 10.17 -4.22 -16.72
N ASP A 40 9.74 -5.42 -17.02
CA ASP A 40 8.36 -5.67 -17.38
C ASP A 40 7.71 -6.63 -16.43
N GLY A 41 6.37 -6.56 -16.34
CA GLY A 41 5.61 -7.52 -15.53
C GLY A 41 4.16 -7.40 -15.63
N VAL A 42 3.48 -8.23 -14.86
CA VAL A 42 2.07 -8.23 -14.67
C VAL A 42 1.82 -7.83 -13.20
N LEU A 43 0.86 -6.99 -13.03
CA LEU A 43 0.45 -6.48 -11.69
C LEU A 43 -0.92 -6.89 -11.38
N MET A 44 -1.14 -7.23 -10.11
CA MET A 44 -2.43 -7.45 -9.57
C MET A 44 -2.74 -6.53 -8.42
N PHE A 45 -3.85 -5.80 -8.46
CA PHE A 45 -4.32 -4.97 -7.26
C PHE A 45 -5.58 -5.53 -6.79
N VAL A 46 -5.66 -5.86 -5.49
CA VAL A 46 -6.81 -6.49 -4.95
C VAL A 46 -7.21 -5.88 -3.64
N ASP A 47 -8.53 -5.71 -3.44
CA ASP A 47 -9.06 -5.37 -2.07
C ASP A 47 -10.36 -6.03 -1.76
N ILE A 48 -10.80 -5.85 -0.50
CA ILE A 48 -11.90 -6.56 0.06
C ILE A 48 -13.10 -5.64 0.26
N SER A 49 -14.26 -6.19 -0.15
CA SER A 49 -15.58 -5.57 -0.01
C SER A 49 -16.27 -5.91 1.31
N GLY A 50 -17.00 -4.93 1.84
CA GLY A 50 -17.71 -5.09 3.13
C GLY A 50 -16.80 -4.74 4.31
N PHE A 51 -15.56 -4.32 3.99
CA PHE A 51 -14.53 -4.13 5.02
C PHE A 51 -14.74 -2.88 5.86
N THR A 52 -14.99 -1.76 5.20
CA THR A 52 -15.37 -0.53 5.87
C THR A 52 -16.52 -0.70 6.90
N ALA A 53 -17.58 -1.37 6.44
CA ALA A 53 -18.66 -1.86 7.28
C ALA A 53 -18.08 -2.50 8.55
N MET A 54 -17.23 -3.53 8.42
CA MET A 54 -16.57 -4.14 9.61
C MET A 54 -15.73 -3.14 10.44
N THR A 55 -14.95 -2.28 9.82
CA THR A 55 -14.10 -1.31 10.56
CA THR A 55 -14.09 -1.45 10.67
C THR A 55 -14.94 -0.53 11.56
N GLU A 56 -16.14 -0.19 11.07
CA GLU A 56 -17.18 0.46 11.93
C GLU A 56 -17.66 -0.42 13.11
N LYS A 57 -18.16 -1.64 12.81
CA LYS A 57 -18.54 -2.61 13.83
C LYS A 57 -17.48 -2.59 14.99
N PHE A 58 -16.21 -2.84 14.63
CA PHE A 58 -15.13 -3.05 15.65
C PHE A 58 -14.74 -1.90 16.51
N SER A 59 -15.14 -0.69 16.12
CA SER A 59 -14.87 0.50 17.00
C SER A 59 -15.86 0.63 18.22
N SER A 60 -17.01 0.00 18.07
CA SER A 60 -18.07 0.09 19.08
C SER A 60 -17.92 -0.73 20.35
N ALA A 61 -18.67 -0.34 21.38
CA ALA A 61 -18.54 -0.90 22.70
C ALA A 61 -18.87 -2.41 22.84
N MET A 62 -19.57 -2.96 21.85
CA MET A 62 -19.92 -4.38 21.82
C MET A 62 -18.64 -5.21 21.83
N TYR A 63 -17.51 -4.64 21.35
CA TYR A 63 -16.24 -5.41 21.30
C TYR A 63 -15.41 -5.32 22.52
N MET A 64 -15.93 -4.60 23.48
CA MET A 64 -15.45 -4.74 24.85
C MET A 64 -13.93 -4.48 24.93
N ASP A 65 -13.48 -3.43 24.33
CA ASP A 65 -12.03 -3.16 24.43
C ASP A 65 -11.10 -4.14 23.66
N ARG A 66 -11.65 -5.07 22.86
CA ARG A 66 -10.79 -5.96 22.05
C ARG A 66 -11.14 -5.81 20.58
N GLY A 67 -11.66 -4.63 20.22
CA GLY A 67 -11.96 -4.37 18.81
C GLY A 67 -10.75 -4.48 17.90
N ALA A 68 -9.60 -3.91 18.29
CA ALA A 68 -8.42 -3.95 17.44
C ALA A 68 -7.90 -5.36 17.28
N GLU A 69 -7.95 -6.13 18.36
CA GLU A 69 -7.55 -7.53 18.32
C GLU A 69 -8.41 -8.40 17.40
N GLN A 70 -9.71 -8.18 17.51
CA GLN A 70 -10.66 -8.93 16.68
C GLN A 70 -10.61 -8.50 15.23
N LEU A 71 -10.39 -7.19 15.00
CA LEU A 71 -10.28 -6.69 13.62
CA LEU A 71 -10.29 -6.72 13.63
C LEU A 71 -9.07 -7.31 12.95
N VAL A 72 -7.91 -7.21 13.61
CA VAL A 72 -6.65 -7.77 13.05
CA VAL A 72 -6.69 -7.77 13.00
C VAL A 72 -6.77 -9.29 12.77
N GLU A 73 -7.40 -9.99 13.70
CA GLU A 73 -7.64 -11.45 13.53
C GLU A 73 -8.48 -11.79 12.27
N ILE A 74 -9.65 -11.15 12.14
CA ILE A 74 -10.55 -11.51 11.03
C ILE A 74 -9.97 -11.00 9.70
N LEU A 75 -9.32 -9.83 9.76
CA LEU A 75 -8.66 -9.34 8.52
C LEU A 75 -7.57 -10.26 8.12
N ASN A 76 -6.70 -10.63 9.05
CA ASN A 76 -5.61 -11.49 8.64
C ASN A 76 -6.05 -12.89 8.19
N TYR A 77 -7.12 -13.37 8.78
CA TYR A 77 -7.70 -14.66 8.36
C TYR A 77 -8.00 -14.66 6.85
N HIS A 78 -8.63 -13.62 6.40
CA HIS A 78 -8.95 -13.49 4.97
C HIS A 78 -7.79 -13.08 4.09
N ILE A 79 -7.06 -12.05 4.50
CA ILE A 79 -5.99 -11.60 3.69
C ILE A 79 -4.85 -12.58 3.62
N SER A 80 -4.59 -13.35 4.67
CA SER A 80 -3.55 -14.33 4.58
C SER A 80 -3.90 -15.43 3.51
N ALA A 81 -5.17 -15.75 3.33
CA ALA A 81 -5.57 -16.62 2.21
C ALA A 81 -5.32 -16.10 0.82
N ILE A 82 -5.54 -14.85 0.64
CA ILE A 82 -5.21 -14.17 -0.58
C ILE A 82 -3.70 -14.21 -0.80
N VAL A 83 -2.96 -13.86 0.25
CA VAL A 83 -1.50 -13.91 0.16
C VAL A 83 -0.95 -15.25 -0.25
N GLU A 84 -1.48 -16.30 0.35
CA GLU A 84 -0.99 -17.62 0.03
C GLU A 84 -1.24 -17.96 -1.42
N LYS A 85 -2.41 -17.58 -1.92
CA LYS A 85 -2.72 -17.78 -3.40
C LYS A 85 -1.78 -17.07 -4.28
N VAL A 86 -1.52 -15.81 -3.97
CA VAL A 86 -0.58 -15.07 -4.74
C VAL A 86 0.81 -15.75 -4.75
N LEU A 87 1.32 -16.11 -3.55
CA LEU A 87 2.61 -16.68 -3.46
C LEU A 87 2.72 -18.03 -4.21
N ILE A 88 1.72 -18.89 -4.03
CA ILE A 88 1.79 -20.20 -4.69
CA ILE A 88 1.66 -20.19 -4.70
C ILE A 88 1.71 -20.06 -6.21
N PHE A 89 1.08 -19.02 -6.69
CA PHE A 89 1.05 -18.70 -8.16
C PHE A 89 2.24 -17.96 -8.66
N GLY A 90 3.25 -17.76 -7.78
CA GLY A 90 4.49 -17.17 -8.11
C GLY A 90 4.63 -15.69 -8.07
N GLY A 91 3.67 -15.01 -7.45
CA GLY A 91 3.67 -13.59 -7.43
C GLY A 91 4.49 -13.07 -6.21
N ASP A 92 4.85 -11.81 -6.28
CA ASP A 92 5.62 -11.07 -5.26
C ASP A 92 4.72 -9.99 -4.73
N ILE A 93 4.35 -10.07 -3.43
CA ILE A 93 3.49 -9.04 -2.84
C ILE A 93 4.35 -7.84 -2.56
N LEU A 94 4.06 -6.73 -3.20
CA LEU A 94 4.88 -5.52 -3.08
C LEU A 94 4.63 -4.68 -1.84
N LYS A 95 3.36 -4.40 -1.56
CA LYS A 95 2.94 -3.54 -0.44
C LYS A 95 1.52 -3.85 -0.08
N PHE A 96 1.20 -3.67 1.20
CA PHE A 96 -0.17 -3.71 1.68
C PHE A 96 -0.60 -2.30 2.06
N ALA A 97 -1.89 -2.02 1.94
CA ALA A 97 -2.46 -0.79 2.47
C ALA A 97 -3.82 -1.14 2.97
N GLY A 98 -3.97 -1.21 4.28
CA GLY A 98 -5.25 -1.55 4.86
C GLY A 98 -5.63 -2.97 4.50
N ASP A 99 -6.76 -3.11 3.82
CA ASP A 99 -7.25 -4.40 3.31
C ASP A 99 -6.89 -4.66 1.81
N ALA A 100 -5.97 -3.86 1.24
CA ALA A 100 -5.58 -3.93 -0.18
C ALA A 100 -4.13 -4.37 -0.29
N LEU A 101 -3.76 -5.01 -1.42
CA LEU A 101 -2.40 -5.31 -1.69
C LEU A 101 -2.12 -5.27 -3.20
N LEU A 102 -0.88 -4.94 -3.55
CA LEU A 102 -0.38 -4.92 -4.92
C LEU A 102 0.62 -5.98 -5.06
N ALA A 103 0.44 -6.87 -6.04
CA ALA A 103 1.39 -7.90 -6.35
C ALA A 103 1.94 -7.86 -7.76
N LEU A 104 3.14 -8.38 -7.93
CA LEU A 104 3.90 -8.32 -9.14
C LEU A 104 4.46 -9.68 -9.58
N TRP A 105 4.37 -9.96 -10.89
CA TRP A 105 5.03 -11.09 -11.52
C TRP A 105 5.95 -10.42 -12.54
N ARG A 106 7.18 -10.24 -12.14
CA ARG A 106 8.22 -9.64 -13.01
C ARG A 106 8.69 -10.69 -14.00
N VAL A 107 8.67 -10.41 -15.31
CA VAL A 107 9.11 -11.47 -16.28
C VAL A 107 9.64 -10.77 -17.51
N GLU A 108 10.37 -11.52 -18.31
CA GLU A 108 10.79 -11.01 -19.64
C GLU A 108 9.60 -10.79 -20.52
N ARG A 109 9.71 -9.88 -21.46
CA ARG A 109 8.62 -9.45 -22.30
C ARG A 109 7.96 -10.63 -23.03
N LYS A 110 8.78 -11.56 -23.50
CA LYS A 110 8.38 -12.79 -24.20
C LYS A 110 7.49 -13.70 -23.38
N GLN A 111 7.57 -13.59 -22.05
CA GLN A 111 6.77 -14.44 -21.18
C GLN A 111 5.53 -13.76 -20.64
N LEU A 112 5.28 -12.53 -21.03
CA LEU A 112 4.13 -11.78 -20.48
C LEU A 112 2.87 -12.44 -20.85
N LYS A 113 2.73 -12.90 -22.14
CA LYS A 113 1.50 -13.59 -22.47
C LYS A 113 1.15 -14.72 -21.56
N ASN A 114 2.07 -15.64 -21.39
CA ASN A 114 1.74 -16.82 -20.61
C ASN A 114 1.54 -16.48 -19.12
N ILE A 115 2.28 -15.50 -18.66
CA ILE A 115 2.12 -15.08 -17.23
C ILE A 115 0.82 -14.44 -16.96
N ILE A 116 0.28 -13.66 -17.90
CA ILE A 116 -1.09 -13.19 -17.75
C ILE A 116 -2.06 -14.29 -17.50
N THR A 117 -1.93 -15.38 -18.26
CA THR A 117 -2.78 -16.51 -18.02
C THR A 117 -2.69 -17.06 -16.58
N VAL A 118 -1.47 -17.19 -16.10
CA VAL A 118 -1.21 -17.61 -14.66
C VAL A 118 -1.93 -16.65 -13.70
N VAL A 119 -1.76 -15.38 -13.95
CA VAL A 119 -2.32 -14.37 -13.03
C VAL A 119 -3.82 -14.32 -13.09
N ILE A 120 -4.42 -14.53 -14.30
CA ILE A 120 -5.87 -14.66 -14.35
C ILE A 120 -6.38 -15.86 -13.59
N LYS A 121 -5.70 -17.01 -13.71
CA LYS A 121 -6.10 -18.15 -12.97
C LYS A 121 -6.03 -17.94 -11.46
N CYS A 122 -4.93 -17.34 -11.02
CA CYS A 122 -4.76 -16.94 -9.59
C CYS A 122 -5.97 -16.10 -9.14
N SER A 123 -6.29 -15.05 -9.92
CA SER A 123 -7.39 -14.15 -9.68
C SER A 123 -8.71 -14.88 -9.50
N LEU A 124 -8.99 -15.81 -10.42
CA LEU A 124 -10.21 -16.62 -10.32
C LEU A 124 -10.19 -17.53 -9.07
N GLU A 125 -9.04 -18.07 -8.72
CA GLU A 125 -8.94 -18.84 -7.53
C GLU A 125 -9.12 -18.02 -6.26
N ILE A 126 -8.68 -16.78 -6.28
CA ILE A 126 -8.90 -15.84 -5.18
C ILE A 126 -10.40 -15.61 -5.01
N HIS A 127 -11.11 -15.26 -6.08
CA HIS A 127 -12.59 -15.15 -5.98
C HIS A 127 -13.23 -16.37 -5.44
N GLY A 128 -12.74 -17.54 -5.80
CA GLY A 128 -13.28 -18.81 -5.32
C GLY A 128 -13.21 -19.04 -3.82
N LEU A 129 -12.19 -18.49 -3.18
CA LEU A 129 -12.11 -18.51 -1.71
C LEU A 129 -13.34 -17.87 -1.07
N PHE A 130 -13.86 -16.83 -1.69
CA PHE A 130 -14.90 -16.00 -1.09
C PHE A 130 -16.33 -16.25 -1.54
N GLU A 131 -16.56 -17.30 -2.34
CA GLU A 131 -17.92 -17.66 -2.76
C GLU A 131 -18.61 -18.14 -1.51
N THR A 132 -19.74 -17.54 -1.17
CA THR A 132 -20.50 -17.91 0.05
C THR A 132 -20.00 -17.32 1.39
N GLN A 133 -18.80 -16.72 1.41
CA GLN A 133 -18.21 -16.24 2.67
C GLN A 133 -18.90 -14.98 3.18
N GLU A 134 -19.04 -14.89 4.50
CA GLU A 134 -19.57 -13.70 5.17
C GLU A 134 -18.57 -13.16 6.21
N TRP A 135 -18.46 -11.84 6.28
CA TRP A 135 -17.76 -11.16 7.40
C TRP A 135 -18.37 -11.54 8.77
N GLU A 136 -19.70 -11.37 8.80
CA GLU A 136 -20.56 -11.89 9.87
C GLU A 136 -21.85 -12.27 9.13
N GLU A 137 -22.75 -12.98 9.80
CA GLU A 137 -24.06 -13.29 9.22
C GLU A 137 -24.78 -12.00 8.70
N GLY A 138 -25.32 -12.03 7.47
CA GLY A 138 -25.86 -10.83 6.82
C GLY A 138 -24.89 -9.94 6.00
N LEU A 139 -23.57 -10.13 6.12
CA LEU A 139 -22.62 -9.29 5.34
C LEU A 139 -21.62 -10.21 4.58
N ASP A 140 -21.71 -10.23 3.26
CA ASP A 140 -20.73 -10.97 2.45
C ASP A 140 -19.34 -10.29 2.41
N ILE A 141 -18.34 -11.14 2.18
CA ILE A 141 -16.97 -10.72 1.98
C ILE A 141 -16.62 -11.16 0.57
N ARG A 142 -16.32 -10.20 -0.28
CA ARG A 142 -15.92 -10.45 -1.66
C ARG A 142 -14.75 -9.49 -1.97
N VAL A 143 -14.08 -9.69 -3.10
CA VAL A 143 -12.96 -8.89 -3.44
C VAL A 143 -13.15 -8.37 -4.80
N LYS A 144 -12.38 -7.36 -5.11
CA LYS A 144 -12.32 -6.76 -6.44
C LYS A 144 -10.89 -6.74 -6.97
N ILE A 145 -10.69 -7.18 -8.23
CA ILE A 145 -9.33 -7.35 -8.79
C ILE A 145 -9.14 -6.62 -10.10
N GLY A 146 -8.07 -5.84 -10.19
CA GLY A 146 -7.56 -5.27 -11.41
C GLY A 146 -6.22 -5.86 -11.78
N LEU A 147 -6.05 -6.16 -13.05
CA LEU A 147 -4.81 -6.60 -13.62
C LEU A 147 -4.27 -5.71 -14.70
N ALA A 148 -2.97 -5.55 -14.74
CA ALA A 148 -2.32 -4.75 -15.76
C ALA A 148 -1.01 -5.38 -16.16
N ALA A 149 -0.43 -4.97 -17.28
CA ALA A 149 0.81 -5.53 -17.73
C ALA A 149 1.55 -4.55 -18.59
N GLY A 150 2.86 -4.60 -18.55
CA GLY A 150 3.70 -3.74 -19.40
C GLY A 150 4.97 -3.32 -18.73
N HIS A 151 5.44 -2.12 -19.09
CA HIS A 151 6.74 -1.65 -18.63
C HIS A 151 6.51 -1.10 -17.17
N ILE A 152 7.43 -1.39 -16.29
CA ILE A 152 7.34 -0.96 -14.88
C ILE A 152 8.69 -0.43 -14.48
N SER A 153 8.70 0.68 -13.75
CA SER A 153 9.96 1.26 -13.20
C SER A 153 9.91 1.06 -11.67
N MET A 154 11.04 0.83 -11.05
CA MET A 154 11.07 0.88 -9.59
CA MET A 154 11.16 0.80 -9.55
C MET A 154 11.93 2.03 -9.14
N LEU A 155 11.51 2.67 -8.04
CA LEU A 155 12.22 3.79 -7.48
C LEU A 155 12.51 3.41 -6.02
N VAL A 156 13.79 3.53 -5.59
CA VAL A 156 14.15 3.43 -4.21
C VAL A 156 14.70 4.77 -3.78
N PHE A 157 14.17 5.31 -2.70
CA PHE A 157 14.60 6.58 -2.17
C PHE A 157 14.80 6.44 -0.66
N GLY A 158 15.51 7.38 -0.07
CA GLY A 158 15.77 7.37 1.34
C GLY A 158 17.09 8.00 1.71
N ASP A 159 17.40 7.90 2.97
CA ASP A 159 18.64 8.47 3.52
C ASP A 159 19.52 7.36 4.05
N GLU A 160 20.47 7.69 4.96
CA GLU A 160 21.42 6.67 5.36
C GLU A 160 20.81 5.66 6.34
N THR A 161 19.66 6.01 6.89
CA THR A 161 18.98 5.21 7.92
C THR A 161 17.67 4.55 7.50
N HIS A 162 17.00 5.13 6.52
CA HIS A 162 15.68 4.71 6.07
C HIS A 162 15.59 4.58 4.56
N SER A 163 14.81 3.59 4.07
CA SER A 163 14.62 3.39 2.66
C SER A 163 13.12 3.13 2.39
N HIS A 164 12.66 3.55 1.23
CA HIS A 164 11.31 3.40 0.74
C HIS A 164 11.40 3.02 -0.69
N PHE A 165 10.39 2.30 -1.17
CA PHE A 165 10.31 2.03 -2.62
C PHE A 165 8.91 2.20 -3.17
N LEU A 166 8.86 2.39 -4.50
CA LEU A 166 7.61 2.48 -5.25
C LEU A 166 7.80 1.82 -6.58
N VAL A 167 6.74 1.30 -7.17
CA VAL A 167 6.75 0.99 -8.61
C VAL A 167 5.91 2.08 -9.33
N ILE A 168 6.34 2.41 -10.53
CA ILE A 168 5.87 3.56 -11.31
C ILE A 168 5.66 3.18 -12.76
N GLY A 169 4.68 3.82 -13.37
CA GLY A 169 4.55 3.83 -14.84
C GLY A 169 3.13 3.60 -15.23
N GLN A 170 2.89 3.50 -16.54
CA GLN A 170 1.51 3.45 -17.01
C GLN A 170 0.85 2.17 -16.58
N ALA A 171 1.57 1.05 -16.52
CA ALA A 171 0.98 -0.21 -16.04
C ALA A 171 0.51 -0.13 -14.55
N VAL A 172 1.29 0.60 -13.76
CA VAL A 172 0.91 0.90 -12.39
C VAL A 172 -0.40 1.72 -12.33
N ASP A 173 -0.47 2.82 -13.08
CA ASP A 173 -1.72 3.63 -13.19
C ASP A 173 -2.86 2.81 -13.70
N ASP A 174 -2.57 1.95 -14.68
CA ASP A 174 -3.59 1.08 -15.31
C ASP A 174 -4.21 0.12 -14.32
N VAL A 175 -3.37 -0.48 -13.44
CA VAL A 175 -3.91 -1.49 -12.54
C VAL A 175 -4.82 -0.84 -11.52
N ARG A 176 -4.42 0.35 -11.11
CA ARG A 176 -5.23 1.08 -10.15
C ARG A 176 -6.60 1.39 -10.83
N LEU A 177 -6.55 1.84 -12.06
CA LEU A 177 -7.84 2.24 -12.77
C LEU A 177 -8.73 0.96 -12.96
N ALA A 178 -8.11 -0.13 -13.38
CA ALA A 178 -8.81 -1.40 -13.57
C ALA A 178 -9.48 -1.85 -12.35
N GLN A 179 -8.76 -1.82 -11.24
CA GLN A 179 -9.32 -2.35 -10.03
C GLN A 179 -10.48 -1.46 -9.54
N ASN A 180 -10.37 -0.16 -9.77
CA ASN A 180 -11.43 0.80 -9.39
C ASN A 180 -12.78 0.55 -10.11
N MET A 181 -12.71 0.05 -11.35
CA MET A 181 -13.91 -0.31 -12.15
C MET A 181 -14.51 -1.63 -11.77
N ALA A 182 -13.76 -2.46 -11.04
CA ALA A 182 -14.24 -3.76 -10.65
C ALA A 182 -15.40 -3.69 -9.64
N GLN A 183 -16.42 -4.52 -9.83
CA GLN A 183 -17.42 -4.77 -8.83
C GLN A 183 -17.00 -5.99 -8.07
N MET A 184 -17.70 -6.25 -6.99
CA MET A 184 -17.43 -7.42 -6.25
C MET A 184 -17.44 -8.54 -7.28
N ASN A 185 -16.49 -9.46 -7.15
CA ASN A 185 -16.31 -10.62 -8.01
C ASN A 185 -15.67 -10.43 -9.36
N ASP A 186 -15.30 -9.22 -9.72
CA ASP A 186 -14.77 -8.97 -11.02
C ASP A 186 -13.25 -9.15 -11.06
N VAL A 187 -12.76 -9.59 -12.21
CA VAL A 187 -11.37 -9.42 -12.62
C VAL A 187 -11.38 -8.53 -13.87
N ILE A 188 -10.83 -7.32 -13.77
CA ILE A 188 -10.71 -6.37 -14.85
C ILE A 188 -9.31 -6.33 -15.36
N LEU A 189 -9.15 -6.45 -16.68
CA LEU A 189 -7.89 -6.27 -17.39
C LEU A 189 -7.69 -4.90 -17.94
N SER A 190 -6.52 -4.32 -17.72
CA SER A 190 -6.16 -3.10 -18.39
C SER A 190 -6.22 -3.28 -19.94
N PRO A 191 -6.33 -2.19 -20.67
CA PRO A 191 -6.22 -2.35 -22.15
C PRO A 191 -4.98 -3.03 -22.66
N ASN A 192 -3.81 -2.68 -22.11
CA ASN A 192 -2.60 -3.26 -22.54
C ASN A 192 -2.51 -4.71 -22.14
N CYS A 193 -3.09 -5.05 -20.99
CA CYS A 193 -3.12 -6.44 -20.51
C CYS A 193 -3.93 -7.34 -21.51
N TRP A 194 -5.08 -6.81 -21.89
CA TRP A 194 -5.92 -7.49 -22.92
C TRP A 194 -5.20 -7.60 -24.26
N GLN A 195 -4.51 -6.56 -24.61
CA GLN A 195 -3.68 -6.55 -25.81
C GLN A 195 -2.53 -7.58 -25.81
N LEU A 196 -1.91 -7.87 -24.64
CA LEU A 196 -0.79 -8.74 -24.57
C LEU A 196 -1.16 -10.18 -24.27
N CYS A 197 -2.42 -10.42 -23.83
CA CYS A 197 -2.80 -11.70 -23.34
C CYS A 197 -3.09 -12.78 -24.43
N ASP A 198 -3.35 -13.99 -23.98
CA ASP A 198 -3.66 -15.15 -24.87
C ASP A 198 -5.11 -15.12 -25.14
N ARG A 199 -5.50 -14.30 -26.13
CA ARG A 199 -6.97 -14.06 -26.35
C ARG A 199 -7.71 -15.28 -26.83
N SER A 200 -6.95 -16.21 -27.40
CA SER A 200 -7.42 -17.57 -27.71
C SER A 200 -8.01 -18.33 -26.47
N MET A 201 -7.67 -17.93 -25.25
CA MET A 201 -8.11 -18.62 -24.03
C MET A 201 -9.00 -17.87 -23.04
N ILE A 202 -9.05 -16.56 -23.22
CA ILE A 202 -9.60 -15.62 -22.23
C ILE A 202 -10.79 -14.99 -22.92
N GLU A 203 -11.96 -15.29 -22.39
CA GLU A 203 -13.21 -14.74 -22.86
C GLU A 203 -13.62 -13.54 -22.02
N ILE A 204 -13.74 -12.39 -22.69
CA ILE A 204 -14.00 -11.12 -22.01
C ILE A 204 -15.30 -10.49 -22.46
N GLU A 205 -15.73 -9.52 -21.68
CA GLU A 205 -16.76 -8.54 -22.08
C GLU A 205 -16.28 -7.10 -21.90
N SER A 206 -16.83 -6.22 -22.74
CA SER A 206 -16.47 -4.83 -22.73
C SER A 206 -17.01 -4.20 -21.44
N VAL A 207 -16.34 -3.14 -21.00
CA VAL A 207 -16.77 -2.33 -19.85
C VAL A 207 -17.23 -1.00 -20.49
N PRO A 208 -18.50 -0.61 -20.21
CA PRO A 208 -19.11 0.56 -20.86
C PRO A 208 -18.28 1.78 -20.56
N ASP A 209 -17.99 2.56 -21.60
CA ASP A 209 -17.24 3.81 -21.46
C ASP A 209 -15.80 3.59 -21.06
N GLN A 210 -15.29 2.37 -21.21
CA GLN A 210 -13.91 2.10 -20.86
C GLN A 210 -13.32 1.23 -21.94
N ARG A 211 -12.01 1.36 -22.19
CA ARG A 211 -11.26 0.36 -22.99
C ARG A 211 -10.81 -0.88 -22.18
N ALA A 212 -10.95 -0.85 -20.86
CA ALA A 212 -10.52 -2.00 -20.03
C ALA A 212 -11.58 -3.07 -20.24
N VAL A 213 -11.28 -4.35 -19.96
CA VAL A 213 -12.27 -5.40 -20.16
C VAL A 213 -12.47 -6.27 -18.97
N LYS A 214 -13.56 -6.97 -18.91
CA LYS A 214 -13.86 -7.86 -17.80
C LYS A 214 -13.69 -9.33 -18.21
N VAL A 215 -12.98 -10.13 -17.40
CA VAL A 215 -12.89 -11.56 -17.64
C VAL A 215 -14.18 -12.30 -17.27
N ASN A 216 -14.72 -13.02 -18.25
CA ASN A 216 -15.88 -13.89 -17.98
C ASN A 216 -15.40 -15.28 -17.70
N PHE A 217 -14.53 -15.82 -18.58
CA PHE A 217 -14.01 -17.17 -18.40
C PHE A 217 -12.63 -17.32 -18.94
N LEU A 218 -11.96 -18.29 -18.38
CA LEU A 218 -10.78 -18.90 -18.93
C LEU A 218 -11.27 -20.24 -19.50
N LYS A 219 -11.15 -20.38 -20.81
CA LYS A 219 -11.64 -21.58 -21.55
C LYS A 219 -10.45 -22.04 -22.35
N PRO A 220 -9.65 -22.87 -21.73
CA PRO A 220 -8.42 -23.30 -22.36
C PRO A 220 -8.70 -24.39 -23.43
N PRO A 221 -7.72 -24.71 -24.26
CA PRO A 221 -7.98 -25.79 -25.26
C PRO A 221 -8.26 -27.13 -24.61
N PRO A 222 -8.80 -28.09 -25.39
CA PRO A 222 -9.13 -29.40 -24.85
C PRO A 222 -7.99 -30.14 -24.19
N ASN A 223 -6.78 -30.00 -24.70
CA ASN A 223 -5.61 -30.70 -24.20
C ASN A 223 -4.73 -29.93 -23.19
N PHE A 224 -5.15 -28.73 -22.82
CA PHE A 224 -4.36 -27.86 -21.94
C PHE A 224 -4.40 -28.43 -20.51
N ASN A 225 -3.27 -28.42 -19.83
CA ASN A 225 -3.25 -28.92 -18.44
C ASN A 225 -2.64 -27.81 -17.59
N PHE A 226 -3.43 -27.15 -16.76
CA PHE A 226 -2.92 -25.96 -16.03
C PHE A 226 -1.61 -26.24 -15.20
N ASP A 227 -1.56 -27.37 -14.50
CA ASP A 227 -0.39 -27.72 -13.68
C ASP A 227 0.85 -27.82 -14.51
N GLU A 228 0.75 -28.42 -15.70
CA GLU A 228 1.90 -28.55 -16.54
C GLU A 228 2.28 -27.23 -17.09
N PHE A 229 1.27 -26.43 -17.43
CA PHE A 229 1.56 -25.11 -17.98
C PHE A 229 2.34 -24.20 -16.93
N PHE A 230 1.77 -24.27 -15.74
CA PHE A 230 2.34 -23.57 -14.59
C PHE A 230 3.76 -23.98 -14.33
N THR A 231 4.02 -25.29 -14.29
CA THR A 231 5.41 -25.77 -14.16
C THR A 231 6.31 -25.21 -15.20
N LYS A 232 5.89 -25.15 -16.47
CA LYS A 232 6.75 -24.50 -17.49
C LYS A 232 7.00 -23.05 -17.21
N CYS A 233 5.95 -22.32 -16.79
CA CYS A 233 6.09 -20.91 -16.40
C CYS A 233 7.08 -20.67 -15.27
N THR A 234 7.17 -21.64 -14.37
CA THR A 234 8.13 -21.50 -13.24
C THR A 234 9.59 -21.44 -13.67
N THR A 235 9.90 -21.90 -14.91
CA THR A 235 11.23 -21.76 -15.45
C THR A 235 11.69 -20.40 -15.48
N PHE A 236 10.75 -19.45 -15.62
CA PHE A 236 11.09 -18.08 -15.72
C PHE A 236 10.99 -17.34 -14.39
N MET A 237 10.64 -18.06 -13.32
CA MET A 237 10.48 -17.42 -11.97
C MET A 237 11.74 -17.74 -11.14
N HIS A 238 12.59 -16.74 -10.94
CA HIS A 238 13.93 -16.88 -10.39
C HIS A 238 13.87 -17.42 -8.98
N TYR A 239 12.86 -17.02 -8.17
CA TYR A 239 12.83 -17.38 -6.76
C TYR A 239 11.66 -18.25 -6.34
N TYR A 240 11.06 -18.99 -7.30
CA TYR A 240 10.04 -19.94 -6.96
C TYR A 240 10.59 -21.04 -6.09
N PRO A 241 10.01 -21.28 -4.88
CA PRO A 241 10.53 -22.31 -4.01
C PRO A 241 10.44 -23.72 -4.65
N SER A 242 11.57 -24.44 -4.64
CA SER A 242 11.60 -25.67 -5.40
C SER A 242 12.56 -26.64 -4.73
N GLY A 243 12.46 -27.88 -5.19
CA GLY A 243 13.34 -28.96 -4.73
C GLY A 243 13.15 -29.28 -3.28
N GLU A 244 14.23 -29.20 -2.53
CA GLU A 244 14.17 -29.36 -1.10
C GLU A 244 13.32 -28.29 -0.44
N HIS A 245 13.19 -27.14 -1.09
CA HIS A 245 12.32 -26.04 -0.54
C HIS A 245 10.95 -25.90 -1.16
N LYS A 246 10.47 -26.93 -1.88
CA LYS A 246 9.19 -26.85 -2.60
C LYS A 246 7.99 -26.70 -1.63
N ASN A 247 8.16 -27.03 -0.35
CA ASN A 247 7.02 -26.78 0.53
C ASN A 247 6.96 -25.39 1.21
N LEU A 248 7.90 -24.50 0.85
CA LEU A 248 7.96 -23.20 1.53
C LEU A 248 7.12 -22.24 0.67
N LEU A 249 6.50 -21.25 1.30
CA LEU A 249 5.81 -20.23 0.52
C LEU A 249 6.71 -19.22 -0.08
N ARG A 250 7.87 -19.00 0.50
CA ARG A 250 8.81 -17.99 0.06
C ARG A 250 10.20 -18.51 0.30
N LEU A 251 11.04 -18.25 -0.71
CA LEU A 251 12.46 -18.48 -0.62
C LEU A 251 13.08 -17.65 0.50
N ALA A 252 12.53 -16.46 0.76
CA ALA A 252 13.06 -15.60 1.78
C ALA A 252 13.05 -16.30 3.14
N CME A 253 12.19 -17.29 3.36
CA CME A 253 12.23 -18.03 4.60
CB CME A 253 11.14 -19.10 4.68
SG CME A 253 9.48 -18.37 4.56
SD CME A 253 9.47 -16.83 5.93
CE CME A 253 10.02 -15.46 4.90
CZ CME A 253 9.92 -14.18 5.58
OH CME A 253 9.71 -14.24 6.98
C CME A 253 13.56 -18.77 4.84
O CME A 253 13.84 -19.17 5.99
N THR A 254 14.35 -18.95 3.79
CA THR A 254 15.64 -19.61 3.89
C THR A 254 16.78 -18.69 4.04
N LEU A 255 16.57 -17.38 4.17
CA LEU A 255 17.69 -16.46 4.32
C LEU A 255 18.49 -16.77 5.59
N LYS A 256 19.79 -16.61 5.49
CA LYS A 256 20.66 -16.84 6.59
C LYS A 256 21.27 -15.53 7.03
N PRO A 257 21.70 -15.46 8.30
CA PRO A 257 22.38 -14.27 8.80
C PRO A 257 23.41 -13.75 7.86
N ASP A 258 23.37 -12.43 7.65
CA ASP A 258 24.22 -11.72 6.72
C ASP A 258 24.12 -10.26 7.14
N PRO A 259 25.09 -9.76 7.93
CA PRO A 259 24.93 -8.45 8.51
C PRO A 259 24.82 -7.32 7.54
N GLU A 260 25.51 -7.36 6.37
CA GLU A 260 25.37 -6.27 5.37
C GLU A 260 23.95 -6.27 4.73
N LEU A 261 23.43 -7.45 4.42
CA LEU A 261 22.07 -7.55 3.91
C LEU A 261 21.04 -7.08 4.95
N GLU A 262 21.19 -7.53 6.19
CA GLU A 262 20.30 -7.11 7.22
C GLU A 262 20.30 -5.63 7.46
N MET A 263 21.47 -5.00 7.45
CA MET A 263 21.56 -3.56 7.56
CA MET A 263 21.60 -3.58 7.56
C MET A 263 20.77 -2.85 6.48
N SER A 264 20.83 -3.35 5.25
CA SER A 264 20.03 -2.76 4.14
C SER A 264 18.55 -2.96 4.34
N LEU A 265 18.15 -4.20 4.67
CA LEU A 265 16.73 -4.50 4.80
C LEU A 265 16.07 -3.81 5.96
N GLN A 266 16.80 -3.63 7.07
CA GLN A 266 16.14 -3.01 8.25
C GLN A 266 15.71 -1.59 8.03
N LYS A 267 16.36 -0.91 7.08
CA LYS A 267 16.06 0.47 6.77
C LYS A 267 14.68 0.68 6.20
N TYR A 268 14.07 -0.39 5.73
CA TYR A 268 12.69 -0.27 5.28
C TYR A 268 11.55 -0.44 6.31
N VAL A 269 11.91 -0.79 7.52
CA VAL A 269 11.01 -1.27 8.56
C VAL A 269 11.07 -0.27 9.73
N MET A 270 9.94 0.03 10.29
CA MET A 270 9.84 0.99 11.42
CA MET A 270 9.88 0.99 11.43
C MET A 270 10.52 0.39 12.68
N GLU A 271 11.17 1.25 13.47
CA GLU A 271 11.90 0.86 14.68
C GLU A 271 11.04 0.06 15.65
N SER A 272 9.73 0.41 15.80
CA SER A 272 8.86 -0.34 16.74
C SER A 272 8.62 -1.75 16.23
N ILE A 273 8.59 -1.92 14.91
CA ILE A 273 8.48 -3.29 14.37
C ILE A 273 9.80 -4.08 14.64
N LEU A 274 10.93 -3.42 14.42
CA LEU A 274 12.27 -4.09 14.65
C LEU A 274 12.39 -4.48 16.17
N LYS A 275 11.77 -3.68 17.04
CA LYS A 275 11.80 -3.98 18.47
C LYS A 275 11.09 -5.28 18.72
N GLN A 276 9.95 -5.48 18.03
CA GLN A 276 9.20 -6.75 18.18
CA GLN A 276 9.17 -6.69 18.18
C GLN A 276 9.95 -7.87 17.58
N ILE A 277 10.51 -7.66 16.40
CA ILE A 277 11.32 -8.69 15.74
C ILE A 277 12.48 -9.16 16.58
N ASP A 278 13.05 -8.22 17.35
CA ASP A 278 14.18 -8.55 18.23
C ASP A 278 13.73 -9.13 19.59
N ASN A 279 12.45 -9.41 19.75
CA ASN A 279 11.85 -9.87 21.02
C ASN A 279 12.14 -8.96 22.21
N LYS A 280 12.11 -7.66 21.94
CA LYS A 280 12.21 -6.65 22.95
C LYS A 280 10.91 -5.90 23.18
N GLN A 281 9.84 -6.32 22.52
CA GLN A 281 8.50 -5.74 22.67
CA GLN A 281 8.50 -5.80 22.81
C GLN A 281 7.54 -6.92 22.51
N LEU A 282 6.43 -6.93 23.22
CA LEU A 282 5.44 -7.94 23.06
C LEU A 282 4.82 -8.00 21.67
N GLN A 283 4.50 -9.20 21.21
CA GLN A 283 4.21 -9.46 19.78
C GLN A 283 2.86 -8.88 19.38
N GLY A 284 2.04 -8.54 20.38
CA GLY A 284 0.65 -8.00 20.21
C GLY A 284 0.51 -6.55 20.46
N TYR A 285 1.66 -5.89 20.82
CA TYR A 285 1.64 -4.51 21.25
C TYR A 285 1.17 -3.51 20.14
N LEU A 286 1.42 -3.82 18.91
CA LEU A 286 1.09 -2.89 17.80
C LEU A 286 -0.31 -3.01 17.26
N SER A 287 -1.13 -3.95 17.72
CA SER A 287 -2.52 -4.05 17.29
C SER A 287 -3.32 -3.16 18.22
N GLU A 288 -3.77 -1.99 17.76
CA GLU A 288 -4.45 -1.07 18.69
C GLU A 288 -5.39 -0.18 17.92
N LEU A 289 -6.41 0.29 18.60
CA LEU A 289 -7.26 1.39 18.18
C LEU A 289 -6.74 2.56 18.94
N ARG A 290 -6.12 3.50 18.26
CA ARG A 290 -5.46 4.57 18.99
C ARG A 290 -5.77 5.94 18.32
N PRO A 291 -5.81 6.98 19.12
CA PRO A 291 -5.97 8.37 18.59
C PRO A 291 -4.67 8.82 17.99
N VAL A 292 -4.77 9.18 16.71
CA VAL A 292 -3.64 9.69 15.99
C VAL A 292 -4.05 10.90 15.19
N THR A 293 -3.06 11.59 14.64
CA THR A 293 -3.34 12.57 13.59
C THR A 293 -2.67 12.13 12.29
N ILE A 294 -3.44 12.05 11.24
CA ILE A 294 -2.97 11.62 9.92
C ILE A 294 -2.63 12.92 9.14
N VAL A 295 -1.46 12.97 8.55
CA VAL A 295 -1.04 14.04 7.67
C VAL A 295 -0.72 13.34 6.32
N PHE A 296 -1.59 13.52 5.34
CA PHE A 296 -1.48 12.82 4.07
C PHE A 296 -1.01 13.81 3.05
N VAL A 297 0.21 13.61 2.53
CA VAL A 297 0.90 14.60 1.68
C VAL A 297 0.85 14.05 0.25
N ASN A 298 0.34 14.86 -0.72
CA ASN A 298 0.31 14.49 -2.13
C ASN A 298 1.19 15.43 -2.95
N LEU A 299 2.10 14.86 -3.75
CA LEU A 299 3.02 15.55 -4.61
C LEU A 299 2.61 15.23 -6.03
N MET A 300 2.12 16.23 -6.78
CA MET A 300 1.69 16.00 -8.16
CA MET A 300 1.68 16.00 -8.16
C MET A 300 2.76 16.45 -9.15
N PHE A 301 2.99 15.61 -10.19
CA PHE A 301 4.01 15.85 -11.24
C PHE A 301 3.22 16.06 -12.55
N GLU A 302 3.87 16.49 -13.59
CA GLU A 302 3.12 16.74 -14.84
C GLU A 302 2.89 15.45 -15.61
N ASP A 303 1.79 15.45 -16.37
CA ASP A 303 1.42 14.40 -17.33
C ASP A 303 2.62 13.72 -18.08
N GLN A 304 3.52 14.54 -18.59
CA GLN A 304 4.62 14.12 -19.46
C GLN A 304 5.87 13.70 -18.69
N ASP A 305 5.93 14.01 -17.38
CA ASP A 305 7.10 13.67 -16.57
C ASP A 305 7.41 12.18 -16.61
N LYS A 306 8.70 11.90 -16.79
CA LYS A 306 9.21 10.55 -16.81
C LYS A 306 9.75 10.19 -15.45
N ALA A 307 9.91 8.90 -15.22
CA ALA A 307 10.41 8.42 -13.96
C ALA A 307 11.79 8.98 -13.59
N GLU A 308 12.62 9.27 -14.59
CA GLU A 308 13.96 9.75 -14.34
C GLU A 308 13.94 11.15 -13.81
N GLU A 309 12.92 11.97 -14.08
CA GLU A 309 12.82 13.23 -13.33
C GLU A 309 11.96 13.18 -12.05
N ILE A 310 11.02 12.25 -11.97
CA ILE A 310 10.20 12.13 -10.78
C ILE A 310 11.11 11.68 -9.59
N GLY A 311 12.00 10.76 -9.88
CA GLY A 311 12.88 10.17 -8.88
C GLY A 311 13.62 11.12 -8.01
N PRO A 312 14.34 12.07 -8.63
CA PRO A 312 15.09 13.02 -7.83
C PRO A 312 14.23 13.97 -7.04
N ALA A 313 13.07 14.31 -7.57
CA ALA A 313 12.15 15.20 -6.89
C ALA A 313 11.55 14.52 -5.62
N ILE A 314 11.12 13.28 -5.78
CA ILE A 314 10.67 12.49 -4.60
C ILE A 314 11.76 12.45 -3.54
N GLN A 315 12.97 12.15 -3.95
CA GLN A 315 14.10 12.12 -3.08
C GLN A 315 14.30 13.42 -2.35
N ASP A 316 14.20 14.53 -3.06
CA ASP A 316 14.42 15.84 -2.44
C ASP A 316 13.31 16.17 -1.44
N ALA A 317 12.07 15.89 -1.82
CA ALA A 317 10.93 16.07 -0.97
C ALA A 317 11.12 15.19 0.29
N TYR A 318 11.50 13.94 0.04
CA TYR A 318 11.66 13.00 1.18
C TYR A 318 12.65 13.50 2.21
N MET A 319 13.79 13.99 1.73
CA MET A 319 14.79 14.47 2.67
C MET A 319 14.25 15.53 3.60
N HIS A 320 13.38 16.39 3.10
CA HIS A 320 12.84 17.41 3.95
C HIS A 320 11.74 16.83 4.85
N ILE A 321 10.87 16.00 4.29
CA ILE A 321 9.81 15.34 5.04
C ILE A 321 10.34 14.63 6.24
N THR A 322 11.32 13.79 6.07
CA THR A 322 11.86 13.04 7.17
C THR A 322 12.43 13.97 8.25
N SER A 323 13.13 15.05 7.89
CA SER A 323 13.65 15.98 8.92
CA SER A 323 13.67 16.00 8.90
C SER A 323 12.57 16.68 9.72
N VAL A 324 11.50 17.08 9.08
CA VAL A 324 10.40 17.75 9.74
C VAL A 324 9.62 16.76 10.63
N LEU A 325 9.35 15.56 10.12
CA LEU A 325 8.66 14.59 10.95
C LEU A 325 9.45 14.26 12.21
N LYS A 326 10.77 14.13 12.08
CA LYS A 326 11.65 13.86 13.22
C LYS A 326 11.45 14.95 14.31
N ILE A 327 11.44 16.20 13.88
CA ILE A 327 11.30 17.37 14.79
C ILE A 327 9.97 17.27 15.43
N PHE A 328 8.95 16.99 14.60
CA PHE A 328 7.58 17.06 15.13
C PHE A 328 7.02 15.73 15.69
N GLN A 329 7.85 14.67 15.72
CA GLN A 329 7.55 13.36 16.24
C GLN A 329 6.48 12.60 15.41
N GLY A 330 6.72 12.48 14.11
CA GLY A 330 5.80 11.80 13.18
C GLY A 330 6.53 10.69 12.46
N GLN A 331 5.78 9.79 11.82
CA GLN A 331 6.32 8.63 11.09
C GLN A 331 5.69 8.58 9.74
N ILE A 332 6.42 8.10 8.75
CA ILE A 332 5.88 7.77 7.45
C ILE A 332 5.37 6.34 7.54
N ASN A 333 4.08 6.14 7.35
CA ASN A 333 3.49 4.80 7.47
C ASN A 333 3.50 4.07 6.13
N LYS A 334 3.31 4.80 5.06
CA LYS A 334 3.22 4.18 3.75
C LYS A 334 3.44 5.25 2.67
N VAL A 335 4.02 4.87 1.50
CA VAL A 335 4.14 5.75 0.37
C VAL A 335 3.52 5.06 -0.85
N PHE A 336 2.75 5.82 -1.64
CA PHE A 336 1.92 5.39 -2.79
C PHE A 336 2.21 6.28 -3.96
N MET A 337 2.06 5.76 -5.19
CA MET A 337 2.14 6.61 -6.37
C MET A 337 1.28 6.05 -7.51
N PHE A 338 0.40 6.90 -8.02
CA PHE A 338 -0.38 6.56 -9.21
C PHE A 338 -0.87 7.92 -9.82
N ASP A 339 -1.24 7.89 -11.09
CA ASP A 339 -1.82 9.13 -11.76
C ASP A 339 -1.02 10.38 -11.48
N LYS A 340 0.30 10.24 -11.58
CA LYS A 340 1.28 11.31 -11.42
C LYS A 340 1.29 11.99 -10.02
N GLY A 341 0.64 11.40 -8.99
CA GLY A 341 0.73 11.86 -7.61
C GLY A 341 1.43 10.84 -6.67
N CYS A 342 2.49 11.30 -6.00
CA CYS A 342 3.16 10.50 -5.00
C CYS A 342 2.67 10.94 -3.66
N SER A 343 2.13 10.03 -2.86
CA SER A 343 1.57 10.46 -1.58
C SER A 343 2.25 9.74 -0.39
N PHE A 344 2.34 10.46 0.73
CA PHE A 344 3.03 9.95 1.92
C PHE A 344 2.01 9.97 3.02
N LEU A 345 1.72 8.80 3.57
CA LEU A 345 0.75 8.66 4.68
C LEU A 345 1.55 8.79 5.97
N CYS A 346 1.47 9.95 6.61
CA CYS A 346 2.24 10.26 7.83
C CYS A 346 1.34 10.24 9.03
N VAL A 347 1.87 9.79 10.15
CA VAL A 347 1.07 9.58 11.34
C VAL A 347 1.78 10.15 12.55
N PHE A 348 1.03 10.89 13.35
CA PHE A 348 1.51 11.49 14.57
C PHE A 348 0.72 10.84 15.70
N GLY A 349 1.48 10.44 16.72
CA GLY A 349 0.94 9.62 17.80
C GLY A 349 1.03 8.07 17.76
N PHE A 350 1.86 7.34 16.97
CA PHE A 350 1.60 5.84 17.06
C PHE A 350 2.48 4.97 18.02
N PRO A 351 3.12 3.82 17.61
CA PRO A 351 3.94 3.20 18.70
C PRO A 351 4.84 4.17 19.53
N GLY A 352 4.51 4.40 20.82
CA GLY A 352 5.30 5.26 21.74
C GLY A 352 5.33 6.79 21.56
N GLU A 353 4.87 7.34 20.40
CA GLU A 353 5.13 8.75 20.03
C GLU A 353 4.11 9.81 20.54
N LYS A 354 3.24 9.48 21.51
CA LYS A 354 2.09 10.36 21.89
C LYS A 354 2.48 11.61 22.73
N VAL A 355 2.07 12.82 22.28
CA VAL A 355 2.39 14.13 22.94
C VAL A 355 1.13 14.99 23.00
N ASP A 357 0.42 18.58 22.42
CA ASP A 357 0.10 19.41 21.21
C ASP A 357 0.38 18.69 19.93
N GLU A 358 -0.02 17.42 19.92
CA GLU A 358 0.05 16.64 18.71
C GLU A 358 -0.60 17.47 17.54
N LEU A 359 -1.73 18.16 17.78
CA LEU A 359 -2.51 18.81 16.69
C LEU A 359 -1.78 20.02 16.15
N THR A 360 -1.33 20.86 17.05
CA THR A 360 -0.62 22.07 16.65
C THR A 360 0.62 21.76 15.86
N HIS A 361 1.34 20.77 16.32
CA HIS A 361 2.49 20.29 15.65
C HIS A 361 2.20 19.60 14.33
N ALA A 362 1.11 18.83 14.22
CA ALA A 362 0.82 18.17 12.95
C ALA A 362 0.61 19.33 11.92
N LEU A 363 -0.15 20.35 12.32
CA LEU A 363 -0.44 21.48 11.40
C LEU A 363 0.78 22.25 11.03
N GLU A 364 1.66 22.49 11.98
CA GLU A 364 2.88 23.22 11.69
C GLU A 364 3.82 22.39 10.81
N CYS A 365 3.92 21.09 11.06
CA CYS A 365 4.65 20.18 10.25
C CYS A 365 4.13 20.16 8.82
N ALA A 366 2.80 20.09 8.67
CA ALA A 366 2.12 20.13 7.35
C ALA A 366 2.48 21.38 6.57
N MET A 367 2.45 22.54 7.27
CA MET A 367 2.82 23.82 6.58
C MET A 367 4.27 23.86 6.15
N ASP A 368 5.20 23.41 6.99
CA ASP A 368 6.59 23.33 6.70
C ASP A 368 6.86 22.44 5.48
N ILE A 369 6.24 21.26 5.49
CA ILE A 369 6.28 20.35 4.31
C ILE A 369 5.71 21.00 3.08
N PHE A 370 4.53 21.56 3.18
CA PHE A 370 3.94 22.25 2.05
C PHE A 370 4.90 23.33 1.47
N ASP A 371 5.45 24.18 2.34
CA ASP A 371 6.31 25.30 1.89
C ASP A 371 7.59 24.81 1.24
N PHE A 372 8.22 23.81 1.81
CA PHE A 372 9.40 23.26 1.23
C PHE A 372 9.15 22.55 -0.08
N CYS A 373 8.17 21.65 -0.08
CA CYS A 373 7.95 20.83 -1.28
C CYS A 373 7.46 21.64 -2.46
N SER A 374 6.73 22.71 -2.16
CA SER A 374 6.21 23.59 -3.20
C SER A 374 7.36 24.18 -4.02
N GLN A 375 8.57 24.20 -3.48
CA GLN A 375 9.70 24.77 -4.14
C GLN A 375 10.60 23.77 -4.81
N VAL A 376 10.27 22.49 -4.75
CA VAL A 376 11.08 21.45 -5.31
C VAL A 376 10.76 21.43 -6.79
N HIS A 377 11.85 21.37 -7.55
CA HIS A 377 11.81 21.38 -8.97
C HIS A 377 11.10 20.14 -9.43
N LYS A 378 10.12 20.34 -10.30
CA LYS A 378 9.36 19.28 -10.90
C LYS A 378 8.07 19.01 -10.15
N ILE A 379 7.95 19.51 -8.91
CA ILE A 379 6.69 19.29 -8.21
C ILE A 379 5.79 20.41 -8.58
N GLN A 380 4.70 20.05 -9.24
CA GLN A 380 3.72 20.97 -9.78
C GLN A 380 2.75 21.47 -8.73
N THR A 381 2.23 20.57 -7.86
CA THR A 381 1.25 20.91 -6.85
C THR A 381 1.55 20.08 -5.58
N VAL A 382 1.43 20.72 -4.42
CA VAL A 382 1.54 20.01 -3.11
C VAL A 382 0.20 20.14 -2.47
N SER A 383 -0.36 19.04 -1.93
CA SER A 383 -1.60 19.11 -1.23
C SER A 383 -1.53 18.25 0.04
N ILE A 384 -2.07 18.74 1.14
CA ILE A 384 -1.92 18.02 2.43
C ILE A 384 -3.23 18.00 3.16
N GLY A 385 -3.73 16.81 3.50
CA GLY A 385 -4.89 16.66 4.35
C GLY A 385 -4.58 16.18 5.73
N VAL A 386 -5.20 16.83 6.72
CA VAL A 386 -4.86 16.56 8.10
C VAL A 386 -6.15 16.16 8.79
N ALA A 387 -6.19 14.95 9.38
CA ALA A 387 -7.44 14.49 10.10
C ALA A 387 -7.04 13.76 11.37
N SER A 388 -7.81 13.88 12.44
CA SER A 388 -7.42 13.34 13.74
C SER A 388 -8.57 12.57 14.37
N GLY A 389 -8.24 11.40 14.92
CA GLY A 389 -9.29 10.54 15.40
C GLY A 389 -8.73 9.15 15.69
N ILE A 390 -9.63 8.24 16.03
CA ILE A 390 -9.25 6.84 16.35
C ILE A 390 -9.04 6.07 15.09
N VAL A 391 -7.86 5.42 15.00
CA VAL A 391 -7.61 4.55 13.84
CA VAL A 391 -7.49 4.61 13.83
C VAL A 391 -7.12 3.19 14.32
N PHE A 392 -7.33 2.20 13.49
CA PHE A 392 -6.84 0.85 13.77
CA PHE A 392 -6.81 0.82 13.72
C PHE A 392 -5.39 0.79 13.24
N CYS A 393 -4.50 0.24 14.05
CA CYS A 393 -3.08 0.07 13.68
C CYS A 393 -2.80 -1.42 13.85
N GLY A 394 -1.98 -2.00 12.97
CA GLY A 394 -1.61 -3.41 13.17
C GLY A 394 -0.79 -3.92 12.01
N ILE A 395 -0.21 -5.07 12.22
CA ILE A 395 0.49 -5.87 11.19
C ILE A 395 -0.53 -6.76 10.47
N VAL A 396 -0.71 -6.47 9.18
CA VAL A 396 -1.59 -7.12 8.35
C VAL A 396 -0.92 -7.98 7.35
N GLY A 397 -1.48 -9.18 7.13
CA GLY A 397 -0.99 -10.11 6.12
C GLY A 397 -0.86 -11.52 6.62
N HIS A 398 0.08 -12.25 6.03
CA HIS A 398 0.40 -13.64 6.36
C HIS A 398 1.68 -13.63 7.20
N THR A 399 1.87 -14.65 8.02
CA THR A 399 3.10 -14.89 8.75
C THR A 399 4.33 -14.63 7.87
N VAL A 400 4.35 -15.13 6.63
CA VAL A 400 5.52 -14.99 5.76
C VAL A 400 5.58 -13.67 4.99
N ARG A 401 4.50 -12.84 5.01
CA ARG A 401 4.48 -11.68 4.17
C ARG A 401 3.41 -10.75 4.76
N HIS A 402 3.87 -9.72 5.50
CA HIS A 402 2.99 -8.83 6.22
C HIS A 402 3.61 -7.50 6.42
N GLU A 403 2.79 -6.49 6.68
CA GLU A 403 3.28 -5.14 6.94
C GLU A 403 2.44 -4.43 7.96
N TYR A 404 3.05 -3.45 8.61
CA TYR A 404 2.30 -2.55 9.51
C TYR A 404 1.47 -1.57 8.71
N THR A 405 0.25 -1.35 9.11
CA THR A 405 -0.61 -0.48 8.31
C THR A 405 -1.63 0.17 9.25
N VAL A 406 -2.34 1.17 8.72
CA VAL A 406 -3.33 1.95 9.48
C VAL A 406 -4.61 1.94 8.70
N ILE A 407 -5.75 1.84 9.39
CA ILE A 407 -7.06 1.66 8.72
C ILE A 407 -8.05 2.54 9.49
N GLY A 408 -8.82 3.33 8.78
CA GLY A 408 -9.92 4.02 9.48
C GLY A 408 -10.49 5.17 8.68
N GLN A 409 -11.65 5.61 9.13
CA GLN A 409 -12.33 6.75 8.46
C GLN A 409 -11.49 7.97 8.43
N LYS A 410 -10.66 8.26 9.45
CA LYS A 410 -9.84 9.45 9.39
C LYS A 410 -8.68 9.33 8.38
N VAL A 411 -8.17 8.12 8.14
CA VAL A 411 -7.23 7.91 7.11
C VAL A 411 -7.82 8.22 5.76
N ASN A 412 -9.01 7.70 5.51
CA ASN A 412 -9.67 7.90 4.25
C ASN A 412 -10.04 9.37 4.05
N LEU A 413 -10.41 10.01 5.13
CA LEU A 413 -10.86 11.41 5.09
C LEU A 413 -9.62 12.24 4.65
N ALA A 414 -8.50 12.06 5.32
CA ALA A 414 -7.26 12.80 4.99
C ALA A 414 -6.84 12.61 3.53
N ALA A 415 -6.95 11.37 3.08
CA ALA A 415 -6.69 11.04 1.67
C ALA A 415 -7.63 11.74 0.68
N ARG A 416 -8.90 11.84 1.02
CA ARG A 416 -9.83 12.49 0.10
C ARG A 416 -9.64 14.01 0.14
N MET A 417 -9.46 14.57 1.33
CA MET A 417 -9.16 16.00 1.44
C MET A 417 -8.03 16.41 0.55
N MET A 418 -6.92 15.66 0.54
CA MET A 418 -5.76 16.08 -0.21
C MET A 418 -6.05 16.08 -1.70
N MET A 419 -6.98 15.24 -2.15
CA MET A 419 -7.30 15.17 -3.59
C MET A 419 -8.39 16.14 -3.99
N TYR A 420 -9.39 16.34 -3.16
CA TYR A 420 -10.52 17.24 -3.43
C TYR A 420 -10.20 18.66 -3.13
N TYR A 421 -9.15 18.94 -2.34
CA TYR A 421 -8.75 20.29 -2.10
C TYR A 421 -7.28 20.46 -2.45
N PRO A 422 -6.96 20.40 -3.73
CA PRO A 422 -5.58 20.44 -4.07
C PRO A 422 -4.90 21.75 -3.83
N GLY A 423 -3.62 21.70 -3.66
CA GLY A 423 -2.79 22.91 -3.56
C GLY A 423 -2.80 23.68 -2.26
N ILE A 424 -3.46 23.14 -1.23
CA ILE A 424 -3.50 23.75 0.07
C ILE A 424 -3.35 22.69 1.18
N VAL A 425 -3.21 23.19 2.39
CA VAL A 425 -3.22 22.35 3.58
C VAL A 425 -4.62 22.40 4.16
N THR A 426 -5.26 21.25 4.31
CA THR A 426 -6.63 21.20 4.89
C THR A 426 -6.65 20.42 6.20
N CYS A 427 -7.60 20.72 7.07
CA CYS A 427 -7.76 19.94 8.29
C CYS A 427 -9.24 19.76 8.62
N ASP A 428 -9.51 18.70 9.38
CA ASP A 428 -10.85 18.40 9.84
C ASP A 428 -11.22 19.22 11.08
N SER A 429 -12.43 18.97 11.57
CA SER A 429 -12.90 19.72 12.72
C SER A 429 -12.22 19.41 14.03
N VAL A 430 -11.85 18.14 14.25
CA VAL A 430 -11.15 17.75 15.46
C VAL A 430 -9.85 18.51 15.54
N THR A 431 -9.15 18.58 14.39
CA THR A 431 -7.84 19.20 14.41
C THR A 431 -7.97 20.70 14.67
N TYR A 432 -8.83 21.31 13.89
CA TYR A 432 -9.08 22.75 14.01
C TYR A 432 -9.37 23.13 15.49
N ASN A 433 -10.39 22.48 16.04
CA ASN A 433 -10.87 22.82 17.40
C ASN A 433 -9.90 22.51 18.49
N GLY A 434 -9.20 21.41 18.36
CA GLY A 434 -8.24 21.01 19.37
C GLY A 434 -7.00 21.84 19.34
N SER A 435 -6.60 22.39 18.19
CA SER A 435 -5.29 23.05 18.07
C SER A 435 -5.06 24.20 19.11
N ASN A 436 -3.83 24.39 19.52
CA ASN A 436 -3.50 25.51 20.39
C ASN A 436 -3.29 26.78 19.55
N LEU A 437 -4.15 27.02 18.51
CA LEU A 437 -3.99 28.11 17.50
C LEU A 437 -5.30 28.91 17.32
N PRO A 438 -5.20 30.24 17.03
CA PRO A 438 -6.35 31.10 16.87
C PRO A 438 -7.04 30.96 15.52
N ALA A 439 -8.31 31.31 15.53
CA ALA A 439 -9.22 31.06 14.42
C ALA A 439 -8.83 31.63 13.08
N TYR A 440 -8.22 32.81 13.08
CA TYR A 440 -7.90 33.49 11.79
C TYR A 440 -6.71 32.79 11.08
N PHE A 441 -6.10 31.81 11.75
CA PHE A 441 -5.06 30.98 11.11
C PHE A 441 -5.71 30.01 10.12
N PHE A 442 -7.03 29.97 10.11
CA PHE A 442 -7.76 29.05 9.26
C PHE A 442 -8.74 29.77 8.37
N LYS A 443 -9.17 29.03 7.35
CA LYS A 443 -10.32 29.40 6.59
C LYS A 443 -11.30 28.21 6.53
N GLU A 444 -12.53 28.42 6.95
CA GLU A 444 -13.63 27.43 6.73
C GLU A 444 -13.92 27.27 5.25
N LEU A 445 -13.97 26.02 4.79
CA LEU A 445 -14.09 25.70 3.36
C LEU A 445 -15.45 25.29 2.91
N PRO A 446 -15.70 25.43 1.61
CA PRO A 446 -16.89 24.83 1.01
C PRO A 446 -16.91 23.30 1.17
N LYS A 447 -18.06 22.71 1.42
CA LYS A 447 -18.10 21.27 1.72
C LYS A 447 -18.30 20.54 0.40
N LYS A 448 -17.41 19.61 0.10
CA LYS A 448 -17.48 18.87 -1.15
C LYS A 448 -17.99 17.48 -0.84
N VAL A 449 -18.75 16.91 -1.76
CA VAL A 449 -19.13 15.49 -1.65
C VAL A 449 -17.91 14.66 -2.10
N MET A 450 -17.46 13.79 -1.21
CA MET A 450 -16.22 13.03 -1.39
C MET A 450 -16.45 11.52 -1.25
N LYS A 451 -15.94 10.77 -2.23
CA LYS A 451 -16.04 9.29 -2.29
C LYS A 451 -15.65 8.65 -0.99
N GLY A 452 -16.55 7.83 -0.48
CA GLY A 452 -16.33 7.08 0.74
C GLY A 452 -16.43 7.89 2.01
N VAL A 453 -16.88 9.15 1.92
CA VAL A 453 -16.78 10.05 3.08
C VAL A 453 -18.17 10.37 3.59
N ALA A 454 -18.44 9.69 4.72
CA ALA A 454 -19.30 10.08 5.85
C ALA A 454 -20.09 11.40 5.76
N ASP A 455 -20.24 12.09 6.88
CA ASP A 455 -20.25 13.51 6.84
C ASP A 455 -18.88 13.84 7.38
N SER A 456 -18.04 14.38 6.49
CA SER A 456 -16.74 14.94 6.85
C SER A 456 -16.76 15.78 8.15
N GLY A 457 -17.86 16.51 8.40
CA GLY A 457 -17.90 17.62 9.41
C GLY A 457 -17.33 18.88 8.72
N PRO A 458 -17.31 20.03 9.41
CA PRO A 458 -16.68 21.20 8.74
C PRO A 458 -15.20 20.94 8.47
N LEU A 459 -14.76 21.38 7.31
CA LEU A 459 -13.36 21.33 6.94
C LEU A 459 -12.77 22.70 6.81
N TYR A 460 -11.49 22.78 7.12
CA TYR A 460 -10.76 24.06 7.17
C TYR A 460 -9.54 24.02 6.33
N GLN A 461 -9.16 25.16 5.77
CA GLN A 461 -7.82 25.34 5.30
C GLN A 461 -6.98 25.88 6.40
N TYR A 462 -5.76 25.37 6.53
CA TYR A 462 -4.77 25.97 7.36
C TYR A 462 -4.06 27.05 6.57
N TRP A 463 -4.45 28.29 6.85
CA TRP A 463 -4.02 29.45 6.09
C TRP A 463 -2.61 29.83 6.54
N GLY A 464 -2.36 29.69 7.85
CA GLY A 464 -1.10 30.01 8.43
C GLY A 464 -1.20 31.31 9.22
N ARG A 465 -0.05 31.72 9.76
CA ARG A 465 0.06 32.81 10.75
C ARG A 465 -0.06 34.22 10.17
N THR A 466 0.08 34.41 8.86
CA THR A 466 -0.11 35.77 8.30
C THR A 466 -1.01 35.71 7.09
N GLU A 467 -1.51 36.89 6.69
CA GLU A 467 -2.37 37.01 5.50
C GLU A 467 -1.69 36.57 4.24
N LYS A 468 -0.43 37.01 4.09
CA LYS A 468 0.38 36.74 2.93
C LYS A 468 1.14 35.46 3.12
CAL LRI B . -2.23 0.64 -5.94
CAM LRI B . -2.37 0.30 -7.26
CAN LRI B . -1.48 0.74 -8.14
SAO LRI B . -0.40 1.76 -7.29
CAK LRI B . -1.20 1.50 -5.84
CAJ LRI B . -0.70 2.13 -4.50
NAI LRI B . 0.30 1.32 -3.87
CAP LRI B . -0.22 0.13 -3.23
CAQ LRI B . 0.06 0.00 -1.70
CAR LRI B . -1.34 0.29 -2.29
C4 LRI B . 1.54 1.35 -4.32
N3 LRI B . 1.88 2.30 -5.18
C5 LRI B . 2.51 0.38 -4.02
C6 LRI B . 3.75 0.41 -4.60
CL6 LRI B . 5.14 -0.66 -4.29
N1 LRI B . 4.00 1.37 -5.49
C2 LRI B . 3.04 2.26 -5.77
NAA LRI B . 3.26 3.14 -6.71
C ACT C . -0.13 -10.89 17.86
O ACT C . -0.10 -10.17 16.86
OXT ACT C . -1.17 -11.03 18.53
CH3 ACT C . 1.09 -11.64 18.18
C ACT D . 6.65 2.95 2.70
O ACT D . 5.61 2.41 2.09
OXT ACT D . 7.65 3.32 2.07
CH3 ACT D . 6.72 3.18 4.22
C1 EDO E . -13.67 8.03 12.73
O1 EDO E . -12.85 8.51 13.83
C2 EDO E . -14.73 9.07 12.39
O2 EDO E . -14.59 9.40 11.00
C1 EDO F . 2.45 -25.17 1.23
O1 EDO F . 1.84 -24.78 -0.01
C2 EDO F . 2.50 -23.97 2.17
O2 EDO F . 2.03 -24.30 3.49
C1 EDO G . 6.62 -26.85 -10.17
O1 EDO G . 7.90 -26.13 -9.92
C2 EDO G . 5.31 -25.97 -10.16
O2 EDO G . 4.15 -26.42 -9.35
C1 EDO H . 22.46 8.61 1.24
O1 EDO H . 22.17 7.23 0.94
C2 EDO H . 21.32 9.54 0.85
O2 EDO H . 21.38 10.58 1.83
C1 EDO I . -1.81 8.50 -4.72
O1 EDO I . -0.42 8.72 -4.50
C2 EDO I . -2.69 9.72 -4.61
O2 EDO I . -2.10 10.70 -5.43
S DMS J . -10.86 -17.37 3.33
O DMS J . -10.77 -16.01 2.76
C1 DMS J . -10.30 -18.62 2.33
C2 DMS J . -10.11 -17.65 4.86
S DMS K . -0.76 -23.64 -8.33
O DMS K . -1.21 -24.14 -9.68
C1 DMS K . 0.67 -24.53 -7.92
C2 DMS K . -0.14 -22.24 -8.98
S DMS L . 18.57 -4.62 -1.76
O DMS L . 19.85 -3.93 -2.13
C1 DMS L . 19.13 -5.80 -0.64
C2 DMS L . 17.73 -3.66 -0.71
S DMS M . -1.14 -17.33 8.15
O DMS M . -0.58 -15.99 8.44
C1 DMS M . -0.24 -18.67 8.73
C2 DMS M . -2.73 -17.49 8.86
CL CL N . -12.91 3.99 11.69
C1 PEG O . 10.88 7.28 7.63
O1 PEG O . 11.60 7.38 6.47
C2 PEG O . 11.64 8.43 8.30
O2 PEG O . 10.73 9.47 8.63
C3 PEG O . 9.94 9.08 9.77
C4 PEG O . 10.25 10.02 10.94
O4 PEG O . 11.49 10.76 10.82
C1 GOL P . 7.15 -2.32 4.99
O1 GOL P . 8.53 -2.29 4.93
C2 GOL P . 6.86 -0.92 4.49
O2 GOL P . 5.64 -0.57 5.13
C3 GOL P . 6.56 -0.88 2.98
O3 GOL P . 7.73 -1.10 2.09
#